data_2X9P
#
_entry.id   2X9P
#
_cell.length_a   118.603
_cell.length_b   139.380
_cell.length_c   70.041
_cell.angle_alpha   90.00
_cell.angle_beta   90.00
_cell.angle_gamma   90.00
#
_symmetry.space_group_name_H-M   'C 2 2 21'
#
loop_
_entity.id
_entity.type
_entity.pdbx_description
1 polymer 'PIMD PROTEIN'
2 non-polymer 'PROTOPORPHYRIN IX CONTAINING FE'
3 non-polymer 'SULFATE ION'
4 water water
#
_entity_poly.entity_id   1
_entity_poly.type   'polypeptide(L)'
_entity_poly.pdbx_seq_one_letter_code
;MRGSHHHHHHGSHDLPCLNLEPPKMLKLSPLLRALQDRGPIHRVRTPAGDEAWLVTRHAELKQLLHDERIGRTHPDPPSA
AQYVRSPFLDLLISDADAESGRRQHAETRRLLTPLFSARRVLEMQPKVEEAADTLLDAFIAQGPPGDLHGELTVPFALTV
LCEVIGVPPQRRAELTTLLAGIAKLDDREGAVRAQDDLFGYVAGLVEHKRAEPGPDIISRLNDGELTEDRVAHLAMGLLF
AGLDSVASIMDNGVVLLAAHPDQRAAALADPDVMARAVEEVLRTARAGGSVLPPRYASEDMEFGGVTIRAGDLVLFDLGL
PNFDERAFTGPEEFDAARTPNPHLTFGHGIWHCIGAPLARLELRTMFTKLFTRLPELRPELPVEQLRLKEGQLSGGFAEL
RVVW
;
_entity_poly.pdbx_strand_id   A
#
# COMPACT_ATOMS: atom_id res chain seq x y z
N SER A 12 26.27 -24.64 0.59
CA SER A 12 27.44 -23.81 0.52
C SER A 12 27.34 -22.52 1.34
N HIS A 13 26.17 -21.89 1.37
CA HIS A 13 26.09 -20.40 1.36
C HIS A 13 25.96 -19.64 2.70
N ASP A 14 25.23 -20.10 3.69
CA ASP A 14 24.97 -19.18 4.85
C ASP A 14 24.44 -17.73 4.54
N LEU A 15 23.50 -17.63 3.62
CA LEU A 15 22.83 -16.32 3.50
C LEU A 15 22.01 -16.01 4.77
N PRO A 16 21.99 -14.76 5.25
CA PRO A 16 21.05 -14.43 6.32
C PRO A 16 19.61 -14.70 5.88
N CYS A 17 18.80 -15.17 6.82
CA CYS A 17 17.45 -15.67 6.55
C CYS A 17 16.49 -14.65 7.08
N LEU A 18 15.70 -14.04 6.21
CA LEU A 18 14.64 -13.12 6.63
C LEU A 18 13.45 -13.92 7.11
N ASN A 19 12.60 -13.33 7.95
CA ASN A 19 11.48 -14.06 8.55
C ASN A 19 10.26 -13.16 8.60
N LEU A 20 9.13 -13.75 8.97
CA LEU A 20 7.85 -13.02 8.94
C LEU A 20 7.38 -12.53 10.31
N GLU A 21 8.24 -12.58 11.32
CA GLU A 21 7.86 -12.06 12.62
C GLU A 21 7.44 -10.56 12.57
N PRO A 22 6.30 -10.21 13.19
CA PRO A 22 5.78 -8.83 13.13
C PRO A 22 6.78 -7.91 13.74
N PRO A 23 6.99 -6.77 13.08
CA PRO A 23 7.95 -5.82 13.63
C PRO A 23 7.41 -5.21 14.90
N LYS A 24 8.33 -4.76 15.74
CA LYS A 24 8.05 -3.90 16.88
C LYS A 24 7.69 -2.49 16.38
N MET A 25 7.08 -1.70 17.26
CA MET A 25 6.68 -0.34 16.96
C MET A 25 7.97 0.54 16.93
N LEU A 26 8.16 1.25 15.81
CA LEU A 26 9.23 2.27 15.70
C LEU A 26 10.64 1.72 15.84
N LYS A 27 10.88 0.44 15.48
CA LYS A 27 12.22 -0.14 15.67
C LYS A 27 12.38 -1.28 14.63
N LEU A 28 13.45 -1.24 13.83
CA LEU A 28 13.72 -2.37 12.94
C LEU A 28 14.13 -3.55 13.79
N SER A 29 13.96 -4.76 13.27
CA SER A 29 14.38 -5.97 13.97
C SER A 29 15.93 -6.01 14.09
N PRO A 30 16.44 -6.81 15.06
CA PRO A 30 17.91 -6.88 15.19
C PRO A 30 18.56 -7.27 13.87
N LEU A 31 18.04 -8.27 13.18
CA LEU A 31 18.67 -8.69 11.92
C LEU A 31 18.67 -7.56 10.85
N LEU A 32 17.52 -6.89 10.69
CA LEU A 32 17.47 -5.84 9.71
C LEU A 32 18.35 -4.66 10.14
N ARG A 33 18.53 -4.36 11.44
CA ARG A 33 19.44 -3.26 11.79
C ARG A 33 20.89 -3.70 11.49
N ALA A 34 21.21 -4.98 11.75
CA ALA A 34 22.54 -5.46 11.45
C ALA A 34 22.84 -5.37 9.92
N LEU A 35 21.88 -5.74 9.08
CA LEU A 35 22.10 -5.65 7.65
C LEU A 35 22.25 -4.22 7.13
N GLN A 36 21.44 -3.29 7.65
CA GLN A 36 21.49 -1.93 7.24
C GLN A 36 22.82 -1.34 7.67
N ASP A 37 23.25 -1.72 8.87
CA ASP A 37 24.55 -1.30 9.43
C ASP A 37 25.72 -1.77 8.58
N ARG A 38 25.67 -3.02 8.15
CA ARG A 38 26.78 -3.66 7.46
C ARG A 38 26.99 -3.09 6.04
N GLY A 39 25.91 -2.85 5.28
CA GLY A 39 26.08 -2.34 3.89
C GLY A 39 24.72 -2.10 3.20
N PRO A 40 24.74 -1.45 2.00
CA PRO A 40 23.51 -1.05 1.31
C PRO A 40 22.79 -2.20 0.64
N ILE A 41 23.49 -3.30 0.39
CA ILE A 41 22.88 -4.37 -0.40
C ILE A 41 23.38 -5.78 -0.05
N HIS A 42 22.48 -6.77 0.18
CA HIS A 42 23.04 -8.10 0.51
C HIS A 42 22.23 -9.21 -0.13
N ARG A 43 22.90 -10.34 -0.34
N ARG A 43 22.88 -10.34 -0.40
CA ARG A 43 22.27 -11.58 -0.78
CA ARG A 43 22.14 -11.51 -0.82
C ARG A 43 21.63 -12.14 0.48
C ARG A 43 21.62 -12.15 0.45
N VAL A 44 20.33 -12.45 0.42
CA VAL A 44 19.61 -12.97 1.62
C VAL A 44 18.78 -14.16 1.15
N ARG A 45 18.30 -14.91 2.13
CA ARG A 45 17.33 -15.94 1.90
C ARG A 45 15.96 -15.43 2.41
N THR A 46 14.92 -15.59 1.57
CA THR A 46 13.60 -15.05 1.91
C THR A 46 12.82 -16.08 2.81
N PRO A 47 11.71 -15.68 3.45
CA PRO A 47 10.87 -16.63 4.23
C PRO A 47 10.41 -17.83 3.41
N ALA A 48 10.31 -17.71 2.10
CA ALA A 48 10.02 -18.87 1.24
C ALA A 48 11.23 -19.77 0.95
N GLY A 49 12.44 -19.32 1.27
CA GLY A 49 13.63 -20.14 1.13
C GLY A 49 14.42 -19.87 -0.12
N ASP A 50 14.08 -18.82 -0.88
CA ASP A 50 14.78 -18.49 -2.13
C ASP A 50 15.82 -17.43 -1.93
N GLU A 51 16.72 -17.34 -2.89
CA GLU A 51 17.71 -16.26 -2.86
C GLU A 51 17.10 -14.93 -3.30
N ALA A 52 17.54 -13.84 -2.72
CA ALA A 52 17.12 -12.53 -3.16
C ALA A 52 18.17 -11.45 -2.82
N TRP A 53 18.15 -10.33 -3.52
CA TRP A 53 18.86 -9.11 -3.07
C TRP A 53 18.00 -8.20 -2.16
N LEU A 54 18.49 -7.89 -0.96
CA LEU A 54 17.84 -6.94 -0.07
C LEU A 54 18.65 -5.66 -0.09
N VAL A 55 18.00 -4.56 -0.45
CA VAL A 55 18.65 -3.22 -0.43
C VAL A 55 18.19 -2.57 0.90
N THR A 56 19.15 -2.12 1.72
CA THR A 56 18.84 -1.75 3.07
C THR A 56 18.83 -0.27 3.40
N ARG A 57 19.19 0.58 2.44
CA ARG A 57 19.41 1.98 2.75
C ARG A 57 18.60 2.87 1.83
N HIS A 58 18.20 4.00 2.38
CA HIS A 58 17.32 4.97 1.67
C HIS A 58 17.91 5.42 0.31
N ALA A 59 19.16 5.86 0.28
CA ALA A 59 19.70 6.40 -1.00
C ALA A 59 19.69 5.37 -2.11
N GLU A 60 20.06 4.15 -1.74
CA GLU A 60 20.23 3.14 -2.77
C GLU A 60 18.92 2.62 -3.23
N LEU A 61 17.97 2.48 -2.29
CA LEU A 61 16.65 1.99 -2.66
C LEU A 61 15.98 2.99 -3.59
N LYS A 62 16.05 4.26 -3.22
CA LYS A 62 15.50 5.28 -4.06
C LYS A 62 16.08 5.18 -5.50
N GLN A 63 17.39 4.97 -5.59
CA GLN A 63 18.00 4.96 -6.87
C GLN A 63 17.55 3.74 -7.66
N LEU A 64 17.38 2.61 -6.97
CA LEU A 64 16.94 1.37 -7.63
C LEU A 64 15.51 1.41 -8.14
N LEU A 65 14.67 2.11 -7.38
CA LEU A 65 13.28 2.40 -7.73
C LEU A 65 13.17 3.19 -8.99
N HIS A 66 14.25 3.83 -9.43
CA HIS A 66 14.23 4.50 -10.75
C HIS A 66 14.88 3.64 -11.82
N ASP A 67 15.39 2.46 -11.49
CA ASP A 67 16.14 1.67 -12.48
C ASP A 67 15.21 0.79 -13.34
N GLU A 68 15.18 1.10 -14.63
CA GLU A 68 14.30 0.38 -15.60
C GLU A 68 14.72 -1.07 -15.85
N ARG A 69 15.92 -1.44 -15.41
CA ARG A 69 16.34 -2.85 -15.51
C ARG A 69 15.74 -3.77 -14.49
N ILE A 70 14.90 -3.23 -13.58
CA ILE A 70 14.16 -4.10 -12.67
C ILE A 70 12.65 -4.00 -12.94
N GLY A 71 11.92 -5.11 -13.03
CA GLY A 71 10.46 -5.02 -13.38
C GLY A 71 9.75 -6.29 -12.97
N ARG A 72 8.59 -6.55 -13.57
CA ARG A 72 7.74 -7.69 -13.20
C ARG A 72 7.85 -8.86 -14.15
N THR A 73 8.80 -8.86 -15.07
CA THR A 73 8.81 -10.00 -15.94
C THR A 73 9.94 -10.88 -15.54
N HIS A 74 9.75 -12.16 -15.80
CA HIS A 74 10.71 -13.19 -15.57
C HIS A 74 10.51 -14.21 -16.69
N PRO A 75 11.60 -14.66 -17.33
CA PRO A 75 11.42 -15.67 -18.43
C PRO A 75 10.82 -17.02 -18.00
N ASP A 76 10.83 -17.36 -16.72
CA ASP A 76 10.35 -18.68 -16.27
C ASP A 76 9.68 -18.55 -14.90
N PRO A 77 8.52 -17.86 -14.85
CA PRO A 77 7.87 -17.46 -13.58
C PRO A 77 7.72 -18.58 -12.56
N PRO A 78 7.51 -19.84 -13.03
CA PRO A 78 7.36 -20.92 -12.05
C PRO A 78 8.64 -21.24 -11.26
N SER A 79 9.81 -20.99 -11.82
CA SER A 79 11.01 -21.20 -11.00
C SER A 79 11.61 -19.88 -10.50
N ALA A 80 10.88 -18.77 -10.66
CA ALA A 80 11.35 -17.47 -10.14
C ALA A 80 11.41 -17.48 -8.62
N ALA A 81 12.44 -16.86 -8.05
CA ALA A 81 12.53 -16.78 -6.58
C ALA A 81 11.37 -15.96 -6.10
N GLN A 82 10.90 -16.29 -4.91
CA GLN A 82 9.80 -15.56 -4.28
C GLN A 82 10.14 -15.12 -2.87
N TYR A 83 9.53 -14.02 -2.42
CA TYR A 83 9.63 -13.66 -1.00
C TYR A 83 8.76 -14.57 -0.12
N VAL A 84 7.48 -14.64 -0.43
CA VAL A 84 6.54 -15.59 0.22
C VAL A 84 5.82 -16.31 -0.90
N ARG A 85 5.36 -17.54 -0.69
CA ARG A 85 4.50 -18.22 -1.66
C ARG A 85 3.14 -17.56 -1.55
N SER A 86 2.59 -17.10 -2.65
CA SER A 86 1.29 -16.46 -2.59
C SER A 86 0.72 -16.58 -3.98
N PRO A 87 -0.28 -17.48 -4.15
CA PRO A 87 -1.02 -17.59 -5.43
C PRO A 87 -1.56 -16.26 -5.93
N PHE A 88 -2.02 -15.39 -5.03
CA PHE A 88 -2.45 -14.06 -5.41
C PHE A 88 -1.32 -13.20 -6.08
N LEU A 89 -0.13 -13.12 -5.46
CA LEU A 89 0.97 -12.29 -6.03
C LEU A 89 1.53 -12.90 -7.35
N ASP A 90 1.44 -14.25 -7.49
CA ASP A 90 1.94 -14.96 -8.72
C ASP A 90 1.37 -14.40 -10.03
N LEU A 91 0.11 -13.97 -9.96
CA LEU A 91 -0.58 -13.41 -11.11
C LEU A 91 0.03 -12.07 -11.52
N LEU A 92 0.83 -11.46 -10.65
CA LEU A 92 1.55 -10.21 -10.98
C LEU A 92 2.78 -10.43 -11.84
N ILE A 93 3.30 -11.66 -11.87
CA ILE A 93 4.54 -11.88 -12.57
C ILE A 93 4.26 -12.13 -14.06
N SER A 94 4.45 -11.07 -14.85
CA SER A 94 4.33 -11.13 -16.29
C SER A 94 5.30 -12.19 -16.89
N ASP A 95 4.79 -12.90 -17.87
CA ASP A 95 5.62 -13.81 -18.69
C ASP A 95 6.35 -13.06 -19.87
N ALA A 96 5.87 -11.85 -20.13
CA ALA A 96 6.32 -11.00 -21.22
C ALA A 96 7.86 -10.74 -21.33
N ASP A 97 8.34 -10.49 -22.54
CA ASP A 97 9.72 -10.01 -22.66
C ASP A 97 9.88 -8.70 -21.84
N ALA A 98 11.08 -8.40 -21.42
CA ALA A 98 11.29 -7.23 -20.57
C ALA A 98 10.80 -5.90 -21.16
N GLU A 99 11.11 -5.68 -22.43
CA GLU A 99 10.68 -4.45 -23.10
C GLU A 99 9.16 -4.28 -23.12
N SER A 100 8.46 -5.35 -23.40
CA SER A 100 7.02 -5.40 -23.26
C SER A 100 6.47 -5.00 -21.91
N GLY A 101 7.04 -5.61 -20.88
CA GLY A 101 6.75 -5.26 -19.50
C GLY A 101 6.92 -3.77 -19.30
N ARG A 102 8.03 -3.20 -19.74
CA ARG A 102 8.24 -1.74 -19.54
C ARG A 102 7.23 -0.90 -20.22
N ARG A 103 6.94 -1.22 -21.48
CA ARG A 103 5.95 -0.43 -22.26
C ARG A 103 4.55 -0.50 -21.64
N GLN A 104 4.16 -1.67 -21.17
CA GLN A 104 2.84 -1.86 -20.59
C GLN A 104 2.76 -1.01 -19.30
N HIS A 105 3.77 -1.18 -18.44
CA HIS A 105 3.87 -0.36 -17.24
C HIS A 105 3.81 1.14 -17.54
N ALA A 106 4.66 1.66 -18.44
CA ALA A 106 4.61 3.10 -18.75
C ALA A 106 3.23 3.54 -19.23
N GLU A 107 2.56 2.67 -19.99
CA GLU A 107 1.27 3.04 -20.57
C GLU A 107 0.18 3.09 -19.49
N THR A 108 0.18 2.12 -18.58
CA THR A 108 -0.68 2.17 -17.44
C THR A 108 -0.49 3.49 -16.63
N ARG A 109 0.77 3.87 -16.34
CA ARG A 109 1.07 5.16 -15.62
C ARG A 109 0.56 6.39 -16.36
N ARG A 110 0.80 6.46 -17.66
CA ARG A 110 0.21 7.49 -18.53
C ARG A 110 -1.32 7.59 -18.48
N LEU A 111 -2.00 6.45 -18.38
CA LEU A 111 -3.43 6.45 -18.38
C LEU A 111 -4.00 6.84 -16.99
N LEU A 112 -3.29 6.47 -15.92
CA LEU A 112 -3.85 6.61 -14.58
C LEU A 112 -3.51 7.98 -13.98
N THR A 113 -2.31 8.52 -14.28
CA THR A 113 -1.83 9.76 -13.68
C THR A 113 -2.80 10.98 -13.80
N PRO A 114 -3.38 11.22 -15.02
CA PRO A 114 -4.35 12.29 -15.19
C PRO A 114 -5.56 12.15 -14.30
N LEU A 115 -5.89 10.95 -13.87
CA LEU A 115 -7.08 10.73 -13.09
C LEU A 115 -6.92 11.32 -11.68
N PHE A 116 -5.67 11.60 -11.29
CA PHE A 116 -5.36 12.03 -9.94
C PHE A 116 -4.67 13.38 -9.97
N SER A 117 -4.94 14.19 -11.00
CA SER A 117 -4.56 15.60 -10.97
C SER A 117 -5.12 16.33 -9.74
N ALA A 118 -4.53 17.51 -9.46
CA ALA A 118 -4.91 18.37 -8.33
C ALA A 118 -6.39 18.66 -8.33
N ARG A 119 -6.88 19.09 -9.48
CA ARG A 119 -8.24 19.45 -9.70
C ARG A 119 -9.15 18.22 -9.47
N ARG A 120 -8.74 17.08 -10.00
CA ARG A 120 -9.55 15.89 -9.88
C ARG A 120 -9.61 15.38 -8.43
N VAL A 121 -8.51 15.47 -7.69
CA VAL A 121 -8.49 15.01 -6.32
C VAL A 121 -9.31 16.02 -5.50
N LEU A 122 -9.26 17.32 -5.85
CA LEU A 122 -10.13 18.31 -5.18
C LEU A 122 -11.55 17.86 -5.36
N GLU A 123 -11.90 17.39 -6.55
CA GLU A 123 -13.27 17.04 -6.86
C GLU A 123 -13.66 15.78 -6.07
N MET A 124 -12.68 14.92 -5.68
CA MET A 124 -13.00 13.74 -4.85
C MET A 124 -13.27 14.08 -3.40
N GLN A 125 -12.64 15.17 -2.93
CA GLN A 125 -12.62 15.46 -1.49
C GLN A 125 -13.98 15.50 -0.78
N PRO A 126 -15.00 16.15 -1.41
CA PRO A 126 -16.28 16.08 -0.66
C PRO A 126 -16.88 14.65 -0.45
N LYS A 127 -16.62 13.71 -1.38
CA LYS A 127 -17.04 12.35 -1.16
C LYS A 127 -16.28 11.66 -0.06
N VAL A 128 -14.97 11.95 0.01
CA VAL A 128 -14.12 11.44 1.08
C VAL A 128 -14.62 11.99 2.42
N GLU A 129 -14.86 13.30 2.52
CA GLU A 129 -15.45 13.88 3.79
C GLU A 129 -16.80 13.24 4.17
N GLU A 130 -17.72 13.22 3.24
CA GLU A 130 -19.02 12.59 3.45
C GLU A 130 -18.94 11.12 3.92
N ALA A 131 -18.13 10.32 3.25
CA ALA A 131 -18.01 8.90 3.58
C ALA A 131 -17.47 8.73 5.02
N ALA A 132 -16.52 9.58 5.41
CA ALA A 132 -15.94 9.41 6.76
C ALA A 132 -17.01 9.77 7.84
N ASP A 133 -17.72 10.88 7.61
CA ASP A 133 -18.83 11.32 8.53
C ASP A 133 -19.84 10.19 8.64
N THR A 134 -20.30 9.67 7.50
CA THR A 134 -21.34 8.61 7.56
C THR A 134 -20.84 7.40 8.38
N LEU A 135 -19.60 6.95 8.10
CA LEU A 135 -19.14 5.70 8.66
C LEU A 135 -18.74 5.85 10.10
N LEU A 136 -18.18 7.02 10.41
CA LEU A 136 -17.82 7.34 11.79
C LEU A 136 -19.13 7.46 12.67
N ASP A 137 -20.19 8.06 12.10
CA ASP A 137 -21.55 8.16 12.75
C ASP A 137 -21.99 6.76 13.11
N ALA A 138 -21.91 5.84 12.17
CA ALA A 138 -22.35 4.47 12.48
C ALA A 138 -21.45 3.76 13.50
N PHE A 139 -20.14 3.92 13.36
CA PHE A 139 -19.21 3.24 14.24
C PHE A 139 -19.40 3.75 15.66
N ILE A 140 -19.58 5.06 15.81
CA ILE A 140 -19.77 5.66 17.14
C ILE A 140 -21.12 5.20 17.81
N ALA A 141 -22.17 5.08 16.99
CA ALA A 141 -23.51 4.67 17.45
C ALA A 141 -23.48 3.25 18.02
N GLN A 142 -22.62 2.40 17.48
CA GLN A 142 -22.49 1.03 17.97
C GLN A 142 -21.82 1.02 19.33
N GLY A 143 -21.22 2.14 19.72
CA GLY A 143 -20.56 2.28 21.03
C GLY A 143 -19.31 1.43 21.15
N PRO A 144 -18.51 1.72 22.17
CA PRO A 144 -17.27 0.95 22.41
C PRO A 144 -17.53 -0.35 23.17
N PRO A 145 -16.56 -1.27 23.18
CA PRO A 145 -15.33 -1.30 22.33
C PRO A 145 -15.80 -1.53 20.89
N GLY A 146 -15.06 -1.10 19.87
CA GLY A 146 -15.46 -1.46 18.51
C GLY A 146 -14.26 -1.91 17.71
N ASP A 147 -14.52 -2.59 16.59
CA ASP A 147 -13.44 -3.05 15.72
C ASP A 147 -13.20 -1.96 14.68
N LEU A 148 -12.18 -1.13 14.94
CA LEU A 148 -11.86 -0.02 14.05
C LEU A 148 -11.54 -0.53 12.62
N HIS A 149 -10.96 -1.72 12.54
CA HIS A 149 -10.56 -2.27 11.24
C HIS A 149 -11.79 -2.67 10.42
N GLY A 150 -12.51 -3.64 10.92
CA GLY A 150 -13.61 -4.25 10.15
C GLY A 150 -14.81 -3.37 10.03
N GLU A 151 -15.06 -2.51 11.03
CA GLU A 151 -16.22 -1.59 11.03
C GLU A 151 -15.95 -0.13 10.63
N LEU A 152 -14.68 0.26 10.44
CA LEU A 152 -14.44 1.64 10.00
C LEU A 152 -13.40 1.82 8.87
N THR A 153 -12.20 1.41 9.12
CA THR A 153 -11.10 1.75 8.23
C THR A 153 -11.27 1.02 6.87
N VAL A 154 -11.62 -0.25 6.88
CA VAL A 154 -11.82 -1.02 5.60
C VAL A 154 -13.04 -0.46 4.87
N PRO A 155 -14.18 -0.33 5.58
CA PRO A 155 -15.34 0.24 4.84
C PRO A 155 -15.10 1.66 4.32
N PHE A 156 -14.39 2.47 5.08
CA PHE A 156 -14.07 3.81 4.62
C PHE A 156 -13.24 3.71 3.35
N ALA A 157 -12.16 2.94 3.40
CA ALA A 157 -11.30 2.87 2.20
C ALA A 157 -12.13 2.38 1.00
N LEU A 158 -12.95 1.36 1.21
CA LEU A 158 -13.76 0.80 0.08
C LEU A 158 -14.81 1.76 -0.46
N THR A 159 -15.46 2.47 0.45
CA THR A 159 -16.49 3.48 0.06
C THR A 159 -15.88 4.56 -0.77
N VAL A 160 -14.71 5.03 -0.34
CA VAL A 160 -14.04 6.08 -1.09
C VAL A 160 -13.72 5.51 -2.44
N LEU A 161 -13.17 4.27 -2.49
CA LEU A 161 -12.91 3.67 -3.81
C LEU A 161 -14.17 3.59 -4.66
N CYS A 162 -15.27 3.10 -4.10
CA CYS A 162 -16.52 3.12 -4.91
C CYS A 162 -16.86 4.46 -5.48
N GLU A 163 -16.74 5.51 -4.68
CA GLU A 163 -17.18 6.83 -5.10
C GLU A 163 -16.30 7.37 -6.21
N VAL A 164 -15.02 7.05 -6.13
CA VAL A 164 -14.05 7.66 -6.98
C VAL A 164 -14.00 6.86 -8.33
N ILE A 165 -14.17 5.55 -8.25
CA ILE A 165 -14.01 4.69 -9.45
C ILE A 165 -15.36 4.68 -10.20
N GLY A 166 -16.44 4.68 -9.45
CA GLY A 166 -17.82 4.82 -9.99
C GLY A 166 -18.57 3.51 -9.81
N VAL A 167 -18.75 3.08 -8.58
CA VAL A 167 -19.48 1.85 -8.32
C VAL A 167 -20.76 2.34 -7.67
N PRO A 168 -21.90 2.25 -8.42
CA PRO A 168 -23.20 2.71 -7.89
C PRO A 168 -23.48 2.00 -6.57
N PRO A 169 -24.17 2.65 -5.64
CA PRO A 169 -24.43 1.97 -4.34
C PRO A 169 -25.09 0.57 -4.39
N GLN A 170 -25.96 0.34 -5.37
CA GLN A 170 -26.68 -0.98 -5.46
C GLN A 170 -25.76 -2.19 -5.76
N ARG A 171 -24.65 -1.89 -6.43
CA ARG A 171 -23.67 -2.92 -6.83
C ARG A 171 -22.61 -3.12 -5.72
N ARG A 172 -22.65 -2.33 -4.66
CA ARG A 172 -21.58 -2.39 -3.67
C ARG A 172 -21.59 -3.64 -2.86
N ALA A 173 -22.79 -4.15 -2.56
CA ALA A 173 -22.87 -5.39 -1.79
C ALA A 173 -22.11 -6.55 -2.46
N GLU A 174 -22.30 -6.68 -3.77
CA GLU A 174 -21.61 -7.73 -4.54
C GLU A 174 -20.08 -7.52 -4.58
N LEU A 175 -19.66 -6.25 -4.70
CA LEU A 175 -18.23 -5.92 -4.74
C LEU A 175 -17.60 -6.42 -3.47
N THR A 176 -18.21 -6.03 -2.35
CA THR A 176 -17.71 -6.45 -1.06
C THR A 176 -17.52 -7.94 -1.10
N THR A 177 -18.53 -8.65 -1.59
CA THR A 177 -18.46 -10.11 -1.53
C THR A 177 -17.35 -10.67 -2.42
N LEU A 178 -17.28 -10.20 -3.66
CA LEU A 178 -16.21 -10.63 -4.55
C LEU A 178 -14.81 -10.33 -3.97
N LEU A 179 -14.70 -9.26 -3.17
CA LEU A 179 -13.41 -8.89 -2.55
C LEU A 179 -13.02 -9.78 -1.38
N ALA A 180 -14.00 -10.20 -0.58
CA ALA A 180 -13.76 -11.21 0.46
C ALA A 180 -13.32 -12.51 -0.23
N GLY A 181 -14.03 -12.83 -1.34
CA GLY A 181 -13.76 -13.97 -2.21
C GLY A 181 -12.38 -14.04 -2.89
N ILE A 182 -11.66 -12.90 -2.98
CA ILE A 182 -10.22 -12.89 -3.34
C ILE A 182 -9.28 -12.82 -2.13
N ALA A 183 -9.78 -12.25 -1.03
CA ALA A 183 -9.08 -12.27 0.25
C ALA A 183 -8.95 -13.71 0.79
N LYS A 184 -10.05 -14.47 0.83
CA LYS A 184 -9.97 -15.86 1.38
C LYS A 184 -9.27 -16.92 0.50
N LEU A 185 -9.27 -16.73 -0.84
CA LEU A 185 -8.51 -17.58 -1.81
C LEU A 185 -7.04 -17.94 -1.38
N ASP A 186 -6.56 -19.10 -1.88
CA ASP A 186 -5.43 -19.81 -1.27
C ASP A 186 -4.77 -20.91 -2.14
N ASP A 187 -5.32 -21.17 -3.33
CA ASP A 187 -4.63 -21.97 -4.36
C ASP A 187 -4.57 -21.17 -5.69
N ARG A 188 -3.78 -21.64 -6.66
CA ARG A 188 -3.70 -21.00 -7.97
C ARG A 188 -5.01 -21.09 -8.83
N GLU A 189 -5.78 -22.17 -8.69
CA GLU A 189 -7.05 -22.29 -9.44
C GLU A 189 -8.10 -21.34 -8.90
N GLY A 190 -8.27 -21.38 -7.57
CA GLY A 190 -9.23 -20.53 -6.86
C GLY A 190 -8.92 -19.05 -7.05
N ALA A 191 -7.62 -18.72 -7.18
CA ALA A 191 -7.19 -17.31 -7.29
C ALA A 191 -7.34 -16.78 -8.73
N VAL A 192 -7.10 -17.61 -9.76
CA VAL A 192 -7.50 -17.29 -11.14
C VAL A 192 -9.03 -17.11 -11.23
N ARG A 193 -9.79 -17.99 -10.56
CA ARG A 193 -11.26 -17.93 -10.69
C ARG A 193 -11.84 -16.69 -10.01
N ALA A 194 -11.38 -16.41 -8.79
CA ALA A 194 -11.80 -15.22 -8.06
C ALA A 194 -11.47 -13.94 -8.86
N GLN A 195 -10.28 -13.87 -9.47
CA GLN A 195 -9.95 -12.77 -10.41
C GLN A 195 -10.96 -12.63 -11.54
N ASP A 196 -11.35 -13.77 -12.11
CA ASP A 196 -12.21 -13.83 -13.28
C ASP A 196 -13.58 -13.33 -12.98
N ASP A 197 -14.11 -13.70 -11.80
CA ASP A 197 -15.43 -13.21 -11.33
C ASP A 197 -15.47 -11.69 -11.07
N LEU A 198 -14.42 -11.20 -10.43
CA LEU A 198 -14.29 -9.76 -10.14
C LEU A 198 -14.19 -9.00 -11.46
N PHE A 199 -13.35 -9.49 -12.36
CA PHE A 199 -13.25 -8.90 -13.67
C PHE A 199 -14.57 -8.79 -14.40
N GLY A 200 -15.37 -9.86 -14.46
CA GLY A 200 -16.67 -9.79 -15.17
C GLY A 200 -17.65 -8.81 -14.51
N TYR A 201 -17.63 -8.82 -13.19
CA TYR A 201 -18.39 -7.83 -12.41
C TYR A 201 -18.00 -6.41 -12.82
N VAL A 202 -16.70 -6.14 -12.86
CA VAL A 202 -16.20 -4.83 -13.17
C VAL A 202 -16.51 -4.47 -14.62
N ALA A 203 -16.40 -5.42 -15.57
CA ALA A 203 -16.78 -5.14 -16.98
C ALA A 203 -18.22 -4.67 -17.08
N GLY A 204 -19.10 -5.25 -16.28
CA GLY A 204 -20.50 -4.80 -16.24
C GLY A 204 -20.58 -3.34 -15.77
N LEU A 205 -19.81 -2.98 -14.73
CA LEU A 205 -19.75 -1.57 -14.27
C LEU A 205 -19.30 -0.70 -15.42
N VAL A 206 -18.30 -1.16 -16.17
CA VAL A 206 -17.80 -0.34 -17.28
C VAL A 206 -18.89 -0.09 -18.33
N GLU A 207 -19.64 -1.13 -18.68
CA GLU A 207 -20.72 -1.01 -19.69
C GLU A 207 -21.82 -0.10 -19.17
N HIS A 208 -22.28 -0.30 -17.93
CA HIS A 208 -23.23 0.67 -17.31
C HIS A 208 -22.79 2.13 -17.51
N LYS A 209 -21.55 2.48 -17.11
CA LYS A 209 -21.04 3.85 -17.22
C LYS A 209 -20.88 4.37 -18.65
N ARG A 210 -20.74 3.44 -19.60
CA ARG A 210 -20.69 3.86 -21.02
C ARG A 210 -22.09 4.43 -21.37
N ALA A 211 -23.14 3.71 -20.98
CA ALA A 211 -24.53 4.14 -21.14
C ALA A 211 -24.80 5.42 -20.34
N GLU A 212 -24.20 5.55 -19.17
CA GLU A 212 -24.58 6.64 -18.26
C GLU A 212 -23.38 7.29 -17.55
N PRO A 213 -22.68 8.20 -18.22
CA PRO A 213 -21.43 8.71 -17.59
C PRO A 213 -21.62 9.45 -16.24
N GLY A 214 -20.61 9.38 -15.36
CA GLY A 214 -20.54 10.17 -14.10
C GLY A 214 -19.18 10.89 -14.01
N PRO A 215 -18.97 11.72 -12.96
CA PRO A 215 -17.65 12.38 -12.80
C PRO A 215 -16.73 11.39 -12.02
N ASP A 216 -16.27 10.33 -12.72
CA ASP A 216 -15.65 9.17 -12.04
C ASP A 216 -14.61 8.49 -12.95
N ILE A 217 -13.75 7.67 -12.35
CA ILE A 217 -12.64 7.13 -13.08
C ILE A 217 -13.10 6.28 -14.28
N ILE A 218 -14.06 5.38 -14.05
CA ILE A 218 -14.53 4.52 -15.16
C ILE A 218 -15.03 5.38 -16.35
N SER A 219 -15.81 6.43 -16.09
CA SER A 219 -16.31 7.25 -17.20
C SER A 219 -15.17 7.94 -17.90
N ARG A 220 -14.20 8.43 -17.13
CA ARG A 220 -13.11 9.17 -17.73
C ARG A 220 -12.20 8.29 -18.56
N LEU A 221 -12.10 7.01 -18.17
CA LEU A 221 -11.26 6.09 -18.95
C LEU A 221 -12.01 5.73 -20.22
N ASN A 222 -13.33 5.57 -20.08
CA ASN A 222 -14.21 5.33 -21.22
C ASN A 222 -14.03 6.44 -22.22
N ASP A 223 -14.03 7.67 -21.73
N ASP A 223 -14.05 7.68 -21.74
CA ASP A 223 -13.91 8.89 -22.54
CA ASP A 223 -13.95 8.89 -22.58
C ASP A 223 -12.64 8.87 -23.36
C ASP A 223 -12.62 8.93 -23.34
N GLY A 224 -11.57 8.31 -22.79
CA GLY A 224 -10.25 8.23 -23.47
C GLY A 224 -10.19 7.13 -24.56
N GLU A 225 -11.37 6.58 -24.89
CA GLU A 225 -11.53 5.62 -25.98
C GLU A 225 -10.80 4.33 -25.75
N LEU A 226 -10.74 3.94 -24.48
CA LEU A 226 -10.14 2.69 -24.12
C LEU A 226 -11.21 1.63 -24.26
N THR A 227 -10.81 0.40 -24.60
CA THR A 227 -11.78 -0.68 -24.70
C THR A 227 -12.18 -1.16 -23.31
N GLU A 228 -13.32 -1.83 -23.26
CA GLU A 228 -13.87 -2.29 -22.02
C GLU A 228 -12.96 -3.17 -21.17
N ASP A 229 -12.24 -4.10 -21.79
CA ASP A 229 -11.26 -4.89 -21.03
C ASP A 229 -10.20 -3.97 -20.31
N ARG A 230 -9.66 -2.98 -21.04
CA ARG A 230 -8.62 -2.13 -20.55
C ARG A 230 -9.21 -1.28 -19.37
N VAL A 231 -10.37 -0.68 -19.53
CA VAL A 231 -10.98 0.01 -18.39
C VAL A 231 -11.24 -0.93 -17.23
N ALA A 232 -11.69 -2.15 -17.51
CA ALA A 232 -11.99 -3.02 -16.39
C ALA A 232 -10.74 -3.42 -15.65
N HIS A 233 -9.64 -3.67 -16.37
CA HIS A 233 -8.36 -4.01 -15.77
C HIS A 233 -7.81 -2.85 -14.90
N LEU A 234 -7.88 -1.62 -15.42
CA LEU A 234 -7.48 -0.47 -14.68
C LEU A 234 -8.32 -0.27 -13.40
N ALA A 235 -9.63 -0.38 -13.52
CA ALA A 235 -10.47 -0.28 -12.34
C ALA A 235 -10.19 -1.36 -11.30
N MET A 236 -10.07 -2.62 -11.71
CA MET A 236 -9.73 -3.65 -10.74
C MET A 236 -8.36 -3.38 -10.14
N GLY A 237 -7.39 -3.00 -10.95
CA GLY A 237 -6.06 -2.66 -10.36
C GLY A 237 -6.24 -1.59 -9.25
N LEU A 238 -7.08 -0.56 -9.51
CA LEU A 238 -7.27 0.52 -8.54
C LEU A 238 -7.90 0.01 -7.24
N LEU A 239 -8.88 -0.86 -7.38
CA LEU A 239 -9.40 -1.55 -6.23
C LEU A 239 -8.37 -2.25 -5.42
N PHE A 240 -7.46 -2.98 -6.07
CA PHE A 240 -6.43 -3.66 -5.28
C PHE A 240 -5.43 -2.68 -4.68
N ALA A 241 -5.07 -1.62 -5.38
CA ALA A 241 -4.07 -0.71 -4.89
C ALA A 241 -4.57 0.13 -3.73
N GLY A 242 -5.88 0.44 -3.69
CA GLY A 242 -6.36 1.50 -2.80
C GLY A 242 -7.06 1.06 -1.55
N LEU A 243 -7.21 -0.25 -1.36
CA LEU A 243 -8.01 -0.78 -0.26
C LEU A 243 -7.22 -1.19 0.98
N ASP A 244 -6.50 -2.30 0.93
CA ASP A 244 -5.77 -2.77 2.11
C ASP A 244 -4.67 -1.80 2.55
N SER A 245 -4.05 -1.12 1.59
CA SER A 245 -3.01 -0.16 1.88
C SER A 245 -3.55 0.95 2.76
N VAL A 246 -4.60 1.60 2.34
CA VAL A 246 -5.18 2.68 3.14
C VAL A 246 -5.59 2.19 4.55
N ALA A 247 -6.33 1.09 4.59
CA ALA A 247 -6.83 0.59 5.88
C ALA A 247 -5.67 0.28 6.80
N SER A 248 -4.63 -0.28 6.26
CA SER A 248 -3.56 -0.68 7.18
C SER A 248 -2.69 0.53 7.65
N ILE A 249 -2.41 1.49 6.79
CA ILE A 249 -1.75 2.69 7.30
C ILE A 249 -2.68 3.39 8.34
N MET A 250 -3.97 3.43 8.05
CA MET A 250 -4.93 4.10 8.96
C MET A 250 -4.94 3.39 10.34
N ASP A 251 -5.03 2.06 10.33
CA ASP A 251 -5.02 1.26 11.59
C ASP A 251 -3.79 1.59 12.40
N ASN A 252 -2.63 1.58 11.71
CA ASN A 252 -1.36 1.73 12.42
C ASN A 252 -1.26 3.14 12.90
N GLY A 253 -1.79 4.11 12.14
CA GLY A 253 -1.80 5.52 12.59
C GLY A 253 -2.57 5.75 13.87
N VAL A 254 -3.73 5.08 13.97
CA VAL A 254 -4.50 5.17 15.19
C VAL A 254 -3.67 4.62 16.35
N VAL A 255 -3.01 3.47 16.16
CA VAL A 255 -2.12 2.96 17.22
C VAL A 255 -1.04 4.02 17.54
N LEU A 256 -0.33 4.48 16.50
CA LEU A 256 0.77 5.45 16.77
C LEU A 256 0.29 6.73 17.43
N LEU A 257 -0.78 7.27 16.91
CA LEU A 257 -1.31 8.55 17.47
C LEU A 257 -1.87 8.38 18.91
N ALA A 258 -2.50 7.25 19.19
CA ALA A 258 -3.01 7.01 20.54
C ALA A 258 -1.84 6.92 21.49
N ALA A 259 -0.70 6.40 21.04
CA ALA A 259 0.44 6.15 21.90
C ALA A 259 1.29 7.36 22.13
N HIS A 260 1.03 8.47 21.43
CA HIS A 260 1.87 9.66 21.53
C HIS A 260 0.94 10.84 21.75
N PRO A 261 0.42 11.00 23.00
CA PRO A 261 -0.63 12.04 23.26
C PRO A 261 -0.23 13.46 22.98
N ASP A 262 1.00 13.87 23.28
CA ASP A 262 1.36 15.29 23.07
C ASP A 262 1.42 15.63 21.56
N GLN A 263 1.88 14.70 20.76
CA GLN A 263 1.86 14.95 19.33
C GLN A 263 0.53 14.85 18.64
N ARG A 264 -0.30 13.94 19.15
CA ARG A 264 -1.65 13.88 18.70
C ARG A 264 -2.27 15.23 18.98
N ALA A 265 -2.11 15.74 20.21
CA ALA A 265 -2.66 17.07 20.54
C ALA A 265 -2.10 18.19 19.61
N ALA A 266 -0.81 18.12 19.28
CA ALA A 266 -0.24 19.14 18.40
C ALA A 266 -0.89 19.02 16.99
N ALA A 267 -1.05 17.77 16.48
CA ALA A 267 -1.68 17.49 15.18
C ALA A 267 -3.12 18.01 15.16
N LEU A 268 -3.84 17.79 16.26
CA LEU A 268 -5.23 18.28 16.35
C LEU A 268 -5.37 19.80 16.46
N ALA A 269 -4.36 20.51 17.00
CA ALA A 269 -4.35 22.00 17.16
C ALA A 269 -4.01 22.77 15.90
N ASP A 270 -3.35 22.12 14.94
CA ASP A 270 -2.86 22.81 13.74
C ASP A 270 -2.89 21.85 12.50
N PRO A 271 -3.71 22.17 11.48
CA PRO A 271 -3.89 21.25 10.31
C PRO A 271 -2.57 21.05 9.57
N ASP A 272 -1.71 22.02 9.73
CA ASP A 272 -0.46 21.87 9.13
C ASP A 272 0.41 20.82 9.85
N VAL A 273 0.34 20.79 11.18
CA VAL A 273 0.92 19.67 11.93
C VAL A 273 0.22 18.38 11.65
N MET A 274 -1.11 18.39 11.46
CA MET A 274 -1.75 17.16 11.13
C MET A 274 -1.21 16.62 9.77
N ALA A 275 -1.09 17.50 8.76
CA ALA A 275 -0.50 17.09 7.49
C ALA A 275 0.87 16.42 7.68
N ARG A 276 1.73 17.00 8.51
CA ARG A 276 3.04 16.37 8.78
C ARG A 276 2.93 15.09 9.58
N ALA A 277 1.91 15.03 10.47
CA ALA A 277 1.70 13.83 11.25
C ALA A 277 1.33 12.64 10.37
N VAL A 278 0.52 12.91 9.35
CA VAL A 278 0.19 11.90 8.35
C VAL A 278 1.48 11.34 7.65
N GLU A 279 2.38 12.26 7.27
CA GLU A 279 3.61 11.87 6.67
C GLU A 279 4.36 11.01 7.67
N GLU A 280 4.36 11.38 8.94
CA GLU A 280 5.09 10.58 9.94
C GLU A 280 4.49 9.21 10.22
N VAL A 281 3.17 9.12 10.21
CA VAL A 281 2.49 7.81 10.21
C VAL A 281 2.89 6.99 8.98
N LEU A 282 2.89 7.62 7.82
CA LEU A 282 3.31 6.87 6.63
C LEU A 282 4.74 6.35 6.78
N ARG A 283 5.63 7.18 7.35
CA ARG A 283 6.99 6.73 7.56
C ARG A 283 7.11 5.59 8.56
N THR A 284 6.31 5.64 9.64
CA THR A 284 6.55 4.78 10.75
C THR A 284 5.53 3.63 10.88
N ALA A 285 4.52 3.55 10.00
CA ALA A 285 3.52 2.49 10.13
C ALA A 285 4.10 1.08 10.21
N ARG A 286 5.09 0.74 9.40
CA ARG A 286 5.77 -0.58 9.50
C ARG A 286 7.32 -0.49 9.51
N ALA A 287 7.94 -0.88 10.62
CA ALA A 287 9.35 -0.79 10.75
C ALA A 287 10.00 -2.07 10.27
N GLY A 288 9.86 -2.32 8.95
CA GLY A 288 10.58 -3.39 8.25
C GLY A 288 9.73 -4.64 8.07
N GLY A 289 10.07 -5.52 7.12
CA GLY A 289 9.34 -6.80 7.12
C GLY A 289 8.17 -6.86 6.14
N SER A 290 7.75 -5.73 5.62
CA SER A 290 6.75 -5.77 4.56
C SER A 290 7.41 -5.34 3.26
N VAL A 291 7.30 -6.23 2.30
CA VAL A 291 8.04 -6.18 1.12
C VAL A 291 7.04 -5.92 -0.02
N LEU A 292 7.39 -5.06 -0.95
CA LEU A 292 6.53 -4.97 -2.17
C LEU A 292 6.48 -6.35 -2.91
N PRO A 293 5.53 -6.53 -3.88
CA PRO A 293 5.45 -7.71 -4.74
C PRO A 293 6.74 -7.96 -5.53
N PRO A 294 6.95 -9.19 -6.00
CA PRO A 294 8.31 -9.44 -6.43
C PRO A 294 8.70 -8.68 -7.69
N ARG A 295 9.97 -8.37 -7.80
CA ARG A 295 10.49 -7.65 -8.88
C ARG A 295 11.85 -8.24 -9.24
N TYR A 296 12.19 -8.26 -10.53
CA TYR A 296 13.35 -9.04 -10.98
C TYR A 296 14.19 -8.25 -11.93
N ALA A 297 15.50 -8.44 -11.86
CA ALA A 297 16.37 -7.83 -12.83
C ALA A 297 16.04 -8.45 -14.18
N SER A 298 15.98 -7.67 -15.24
CA SER A 298 15.73 -8.21 -16.57
C SER A 298 17.02 -8.39 -17.36
N GLU A 299 18.15 -7.97 -16.79
CA GLU A 299 19.49 -8.06 -17.40
C GLU A 299 20.55 -7.93 -16.30
N ASP A 300 21.75 -8.44 -16.53
CA ASP A 300 22.78 -8.35 -15.51
C ASP A 300 23.02 -6.89 -15.23
N MET A 301 23.27 -6.55 -13.96
CA MET A 301 23.47 -5.13 -13.49
C MET A 301 24.53 -5.11 -12.40
N GLU A 302 25.49 -4.20 -12.49
CA GLU A 302 26.36 -3.91 -11.36
C GLU A 302 25.73 -2.89 -10.49
N PHE A 303 25.65 -3.14 -9.21
CA PHE A 303 25.04 -2.16 -8.33
C PHE A 303 25.58 -2.31 -6.95
N GLY A 304 26.20 -1.24 -6.46
CA GLY A 304 26.44 -1.18 -5.03
C GLY A 304 27.47 -2.17 -4.59
N GLY A 305 28.30 -2.62 -5.52
CA GLY A 305 29.37 -3.55 -5.17
C GLY A 305 29.18 -4.97 -5.63
N VAL A 306 28.01 -5.29 -6.18
CA VAL A 306 27.67 -6.71 -6.53
C VAL A 306 27.17 -6.67 -7.93
N THR A 307 27.00 -7.87 -8.47
CA THR A 307 26.41 -8.04 -9.76
C THR A 307 25.06 -8.69 -9.54
N ILE A 308 24.00 -7.98 -9.91
CA ILE A 308 22.67 -8.56 -9.90
C ILE A 308 22.49 -9.21 -11.26
N ARG A 309 22.15 -10.49 -11.28
CA ARG A 309 22.01 -11.25 -12.54
C ARG A 309 20.58 -11.18 -13.09
N ALA A 310 20.45 -11.23 -14.41
CA ALA A 310 19.17 -11.36 -15.05
C ALA A 310 18.38 -12.41 -14.35
N GLY A 311 17.18 -12.02 -13.92
CA GLY A 311 16.24 -12.97 -13.30
C GLY A 311 16.31 -12.99 -11.79
N ASP A 312 17.31 -12.37 -11.17
CA ASP A 312 17.37 -12.36 -9.70
C ASP A 312 16.20 -11.54 -9.14
N LEU A 313 15.65 -12.02 -8.03
CA LEU A 313 14.69 -11.32 -7.21
C LEU A 313 15.33 -10.17 -6.46
N VAL A 314 14.78 -8.98 -6.63
CA VAL A 314 15.26 -7.82 -5.81
C VAL A 314 14.11 -7.36 -4.90
N LEU A 315 14.34 -7.30 -3.57
CA LEU A 315 13.30 -7.00 -2.59
C LEU A 315 13.27 -5.51 -2.37
N PHE A 316 12.06 -4.96 -2.30
CA PHE A 316 11.86 -3.57 -1.95
C PHE A 316 11.11 -3.55 -0.60
N ASP A 317 11.88 -3.41 0.48
CA ASP A 317 11.30 -3.28 1.79
C ASP A 317 11.41 -1.80 2.15
N LEU A 318 10.28 -1.12 2.06
CA LEU A 318 10.26 0.33 2.16
C LEU A 318 10.49 0.75 3.61
N GLY A 319 10.18 -0.13 4.56
CA GLY A 319 10.49 0.20 5.98
C GLY A 319 11.97 0.35 6.28
N LEU A 320 12.86 -0.29 5.51
CA LEU A 320 14.34 -0.11 5.77
C LEU A 320 14.78 1.31 5.49
N PRO A 321 14.52 1.81 4.26
CA PRO A 321 14.82 3.22 4.07
C PRO A 321 14.10 4.15 5.10
N ASN A 322 12.86 3.83 5.48
CA ASN A 322 12.10 4.72 6.37
C ASN A 322 12.70 4.85 7.76
N PHE A 323 13.58 3.90 8.14
CA PHE A 323 14.22 3.95 9.46
C PHE A 323 15.74 4.08 9.31
N ASP A 324 16.18 4.43 8.14
CA ASP A 324 17.63 4.69 7.90
C ASP A 324 18.07 6.00 8.53
N GLU A 325 18.97 5.90 9.51
CA GLU A 325 19.42 7.11 10.16
C GLU A 325 20.19 8.02 9.19
N ARG A 326 20.58 7.49 8.02
CA ARG A 326 21.21 8.37 7.05
C ARG A 326 20.22 9.36 6.46
N ALA A 327 18.91 9.00 6.49
CA ALA A 327 17.92 9.85 5.90
C ALA A 327 17.04 10.65 6.93
N PHE A 328 16.88 10.15 8.17
CA PHE A 328 16.11 10.80 9.21
C PHE A 328 16.89 10.87 10.54
N THR A 329 16.91 12.06 11.08
CA THR A 329 17.41 12.20 12.44
C THR A 329 16.44 11.49 13.38
N GLY A 330 17.00 10.71 14.27
CA GLY A 330 16.21 10.05 15.28
C GLY A 330 15.06 9.21 14.69
N PRO A 331 15.39 8.20 13.80
CA PRO A 331 14.37 7.49 13.06
C PRO A 331 13.40 6.70 13.95
N GLU A 332 13.81 6.27 15.13
CA GLU A 332 12.92 5.57 16.07
C GLU A 332 11.99 6.49 16.90
N GLU A 333 12.02 7.80 16.65
N GLU A 333 12.04 7.80 16.68
CA GLU A 333 11.14 8.72 17.30
CA GLU A 333 11.14 8.70 17.35
C GLU A 333 9.99 9.04 16.37
C GLU A 333 10.00 9.06 16.41
N PHE A 334 8.76 8.93 16.90
CA PHE A 334 7.57 9.37 16.21
C PHE A 334 7.46 10.88 16.43
N ASP A 335 7.69 11.66 15.38
CA ASP A 335 7.67 13.12 15.50
C ASP A 335 6.61 13.69 14.56
N ALA A 336 5.42 13.99 15.10
CA ALA A 336 4.27 14.41 14.30
C ALA A 336 4.57 15.64 13.49
N ALA A 337 5.57 16.43 13.89
CA ALA A 337 5.97 17.66 13.19
C ALA A 337 7.30 17.55 12.42
N ARG A 338 7.80 16.33 12.23
CA ARG A 338 9.07 16.08 11.55
C ARG A 338 9.03 16.74 10.20
N THR A 339 10.09 17.47 9.91
CA THR A 339 10.21 18.12 8.64
C THR A 339 11.71 18.26 8.37
N PRO A 340 12.13 17.99 7.12
CA PRO A 340 11.34 17.37 6.04
C PRO A 340 11.11 15.87 6.36
N ASN A 341 10.38 15.14 5.48
CA ASN A 341 10.09 13.76 5.79
C ASN A 341 10.09 12.95 4.49
N PRO A 342 11.28 12.62 3.99
CA PRO A 342 11.39 11.97 2.71
C PRO A 342 11.16 10.48 2.77
N HIS A 343 10.10 10.04 3.48
CA HIS A 343 9.80 8.63 3.53
C HIS A 343 9.51 8.10 2.11
N LEU A 344 9.58 6.79 1.95
CA LEU A 344 9.40 6.14 0.64
C LEU A 344 8.16 5.24 0.73
N THR A 345 7.22 5.59 1.61
CA THR A 345 6.05 4.73 1.79
C THR A 345 5.16 4.69 0.56
N PHE A 346 5.16 5.75 -0.24
CA PHE A 346 4.51 5.72 -1.55
C PHE A 346 5.39 5.22 -2.70
N GLY A 347 6.48 4.51 -2.38
CA GLY A 347 7.42 4.14 -3.43
C GLY A 347 8.14 5.34 -3.96
N HIS A 348 8.65 5.22 -5.18
CA HIS A 348 9.47 6.27 -5.79
C HIS A 348 9.72 5.85 -7.17
N GLY A 349 10.15 6.82 -7.96
CA GLY A 349 10.57 6.60 -9.34
C GLY A 349 9.50 5.98 -10.21
N ILE A 350 9.83 4.81 -10.77
CA ILE A 350 8.92 4.16 -11.70
C ILE A 350 7.79 3.45 -10.99
N TRP A 351 8.01 3.17 -9.71
CA TRP A 351 7.04 2.52 -8.88
C TRP A 351 6.25 3.52 -7.94
N HIS A 352 6.14 4.79 -8.26
CA HIS A 352 5.49 5.70 -7.29
C HIS A 352 3.92 5.57 -7.25
N CYS A 353 3.33 5.55 -6.05
CA CYS A 353 1.88 5.47 -5.88
C CYS A 353 1.15 6.60 -6.64
N ILE A 354 0.39 6.24 -7.66
CA ILE A 354 -0.41 7.22 -8.40
C ILE A 354 -1.62 7.74 -7.56
N GLY A 355 -2.10 6.92 -6.63
CA GLY A 355 -3.21 7.36 -5.71
C GLY A 355 -2.78 8.18 -4.51
N ALA A 356 -1.49 8.50 -4.40
CA ALA A 356 -0.95 9.13 -3.19
C ALA A 356 -1.74 10.37 -2.73
N PRO A 357 -2.12 11.29 -3.63
CA PRO A 357 -2.85 12.46 -3.17
C PRO A 357 -4.16 12.08 -2.52
N LEU A 358 -4.86 11.09 -3.09
CA LEU A 358 -6.10 10.55 -2.50
C LEU A 358 -5.83 9.81 -1.20
N ALA A 359 -4.79 8.99 -1.18
CA ALA A 359 -4.50 8.33 0.07
C ALA A 359 -4.24 9.36 1.22
N ARG A 360 -3.47 10.41 0.92
CA ARG A 360 -3.15 11.44 1.92
C ARG A 360 -4.44 12.09 2.43
N LEU A 361 -5.33 12.40 1.51
CA LEU A 361 -6.63 12.98 1.83
C LEU A 361 -7.41 12.03 2.78
N GLU A 362 -7.47 10.73 2.46
CA GLU A 362 -8.20 9.80 3.37
C GLU A 362 -7.63 9.74 4.76
N LEU A 363 -6.31 9.68 4.85
CA LEU A 363 -5.67 9.67 6.13
C LEU A 363 -5.90 11.01 6.92
N ARG A 364 -5.56 12.16 6.35
CA ARG A 364 -5.76 13.44 7.06
C ARG A 364 -7.24 13.50 7.49
N THR A 365 -8.17 13.17 6.59
CA THR A 365 -9.59 13.33 7.01
C THR A 365 -10.06 12.39 8.10
N MET A 366 -9.71 11.10 7.99
CA MET A 366 -10.12 10.23 9.04
C MET A 366 -9.36 10.44 10.36
N PHE A 367 -8.03 10.73 10.36
CA PHE A 367 -7.37 10.97 11.71
C PHE A 367 -7.97 12.22 12.38
N THR A 368 -8.20 13.29 11.62
CA THR A 368 -8.82 14.51 12.15
C THR A 368 -10.20 14.22 12.81
N LYS A 369 -11.07 13.50 12.10
CA LYS A 369 -12.40 13.32 12.60
C LYS A 369 -12.42 12.32 13.72
N LEU A 370 -11.63 11.25 13.63
CA LEU A 370 -11.61 10.32 14.74
C LEU A 370 -11.16 10.95 16.05
N PHE A 371 -10.00 11.62 16.03
CA PHE A 371 -9.45 12.13 17.29
C PHE A 371 -10.11 13.48 17.70
N THR A 372 -10.82 14.13 16.82
CA THR A 372 -11.63 15.30 17.23
C THR A 372 -12.87 14.83 17.92
N ARG A 373 -13.59 13.90 17.31
CA ARG A 373 -14.84 13.40 17.96
C ARG A 373 -14.57 12.44 19.12
N LEU A 374 -13.47 11.67 19.06
CA LEU A 374 -13.21 10.71 20.11
C LEU A 374 -11.82 10.88 20.68
N PRO A 375 -11.59 11.95 21.48
CA PRO A 375 -10.22 12.28 21.93
C PRO A 375 -9.50 11.18 22.68
N GLU A 376 -10.22 10.24 23.27
CA GLU A 376 -9.62 9.26 24.16
C GLU A 376 -9.44 7.92 23.48
N LEU A 377 -9.67 7.87 22.19
CA LEU A 377 -9.66 6.63 21.49
C LEU A 377 -8.28 5.99 21.53
N ARG A 378 -8.24 4.71 21.81
CA ARG A 378 -7.00 3.97 21.87
C ARG A 378 -7.32 2.51 21.68
N PRO A 379 -6.31 1.72 21.37
CA PRO A 379 -6.50 0.30 21.26
C PRO A 379 -6.82 -0.34 22.64
N GLU A 380 -7.66 -1.35 22.59
CA GLU A 380 -8.04 -2.08 23.80
C GLU A 380 -6.84 -2.85 24.34
N LEU A 381 -6.14 -3.62 23.50
CA LEU A 381 -4.88 -4.29 23.94
C LEU A 381 -3.67 -3.35 24.02
N PRO A 382 -2.72 -3.62 24.95
CA PRO A 382 -1.49 -2.78 24.83
C PRO A 382 -0.67 -3.23 23.61
N VAL A 383 0.23 -2.35 23.13
CA VAL A 383 1.03 -2.59 21.91
C VAL A 383 1.72 -3.99 21.85
N GLU A 384 2.33 -4.40 22.97
CA GLU A 384 2.96 -5.73 23.05
C GLU A 384 2.04 -6.88 22.62
N GLN A 385 0.79 -6.85 23.06
CA GLN A 385 -0.16 -7.94 22.75
C GLN A 385 -0.66 -7.82 21.31
N LEU A 386 -0.92 -6.57 20.92
CA LEU A 386 -1.36 -6.20 19.56
C LEU A 386 -0.39 -6.74 18.48
N ARG A 387 0.90 -6.50 18.70
CA ARG A 387 1.99 -7.02 17.86
C ARG A 387 1.79 -8.53 17.54
N LEU A 388 1.22 -9.31 18.48
CA LEU A 388 0.94 -10.77 18.36
C LEU A 388 -0.57 -11.08 18.13
N PHE A 397 -3.64 -6.05 10.32
CA PHE A 397 -4.60 -6.38 11.40
C PHE A 397 -5.83 -7.15 10.92
N ALA A 398 -6.07 -8.32 11.52
CA ALA A 398 -7.33 -9.06 11.30
C ALA A 398 -8.47 -8.30 11.98
N GLU A 399 -8.15 -7.62 13.08
CA GLU A 399 -9.10 -6.76 13.76
C GLU A 399 -8.32 -5.81 14.65
N LEU A 400 -8.88 -4.65 14.97
CA LEU A 400 -8.21 -3.74 15.88
C LEU A 400 -9.28 -3.15 16.81
N ARG A 401 -9.36 -3.68 18.03
CA ARG A 401 -10.42 -3.25 18.91
C ARG A 401 -9.98 -2.03 19.62
N VAL A 402 -10.85 -1.04 19.60
CA VAL A 402 -10.55 0.20 20.26
C VAL A 402 -11.67 0.55 21.25
N VAL A 403 -11.35 1.33 22.26
CA VAL A 403 -12.33 1.93 23.16
C VAL A 403 -12.11 3.41 23.12
N TRP A 404 -13.08 4.14 23.65
CA TRP A 404 -12.94 5.55 23.84
C TRP A 404 -13.85 6.04 24.99
#